data_3MN7
#
_entry.id   3MN7
#
_cell.length_a   125.820
_cell.length_b   125.820
_cell.length_c   56.020
_cell.angle_alpha   90.00
_cell.angle_beta   90.00
_cell.angle_gamma   120.00
#
_symmetry.space_group_name_H-M   'P 65'
#
loop_
_entity.id
_entity.type
_entity.pdbx_description
1 polymer Actin-5C
2 polymer 'Spire DDD'
3 non-polymer "ADENOSINE-5'-TRIPHOSPHATE"
4 non-polymer 'CALCIUM ION'
5 water water
#
loop_
_entity_poly.entity_id
_entity_poly.type
_entity_poly.pdbx_seq_one_letter_code
_entity_poly.pdbx_strand_id
1 'polypeptide(L)'
;DEEVAALVVDNGSGMCKAGFAGDDAPRAVFPSIVGRPRHQGVMVGMGQKDSYVGDEAQSKRGILTLKYPIEHGIVTNWDD
MEKIWHHTFYNELRVAPEEHPVLLTEAPLNPKANREKMTQIMFETFNTPAMYVAIQAVLSLYASGRTTGIVLDSGDGVSH
TVPIYEGYALPHAILRLDLAGRDLTDYLMKILTERGYSFTTTEEREIVRDIKEKLCYVALDFEQEMATAASSSSLEKSYE
LKDGQVITIGNERFRCPEALFQPSFLGMEACGIHETTYNSIMKCDVDIRKDLYANTVLSGGTTMYPGIADRMQKEITALA
PSTMKIKIIAPPERKYSVWIGGSILASLSTFQQMWISKQEYDESGPSIVHRKCF
;
A
2 'polypeptide(L)'
;PSPREQLMESIRKGKELKQSRPPLKKASDRQLGPPRMCEPSPREQLMESIRKGKELKQSRPPLKKASDRQLGPPRMCEPS
PREQLMESIRKGKELKQA
;
S
#
loop_
_chem_comp.id
_chem_comp.type
_chem_comp.name
_chem_comp.formula
ATP non-polymer ADENOSINE-5'-TRIPHOSPHATE 'C10 H16 N5 O13 P3'
CA non-polymer 'CALCIUM ION' 'Ca 2'
#
# COMPACT_ATOMS: atom_id res chain seq x y z
N VAL A 4 26.54 7.66 -6.68
CA VAL A 4 25.21 8.33 -6.48
C VAL A 4 24.13 7.31 -6.10
N ALA A 5 23.14 7.76 -5.33
CA ALA A 5 22.02 6.92 -4.92
C ALA A 5 20.76 7.24 -5.72
N ALA A 6 19.96 6.20 -5.96
CA ALA A 6 18.68 6.35 -6.67
C ALA A 6 17.59 6.84 -5.72
N LEU A 7 16.46 7.23 -6.28
CA LEU A 7 15.31 7.69 -5.50
C LEU A 7 14.17 6.67 -5.61
N VAL A 8 13.45 6.49 -4.50
CA VAL A 8 12.30 5.58 -4.49
C VAL A 8 11.03 6.39 -4.19
N VAL A 9 10.15 6.46 -5.17
CA VAL A 9 8.90 7.20 -5.04
C VAL A 9 7.71 6.22 -5.08
N ASP A 10 7.03 6.09 -3.94
CA ASP A 10 5.87 5.22 -3.81
C ASP A 10 4.60 6.06 -3.66
N ASN A 11 3.86 6.18 -4.75
CA ASN A 11 2.62 6.95 -4.77
C ASN A 11 1.41 6.08 -4.50
N GLY A 12 0.61 6.48 -3.50
CA GLY A 12 -0.62 5.77 -3.16
C GLY A 12 -1.84 6.64 -3.30
N SER A 13 -3.01 6.06 -3.02
CA SER A 13 -4.28 6.78 -3.11
C SER A 13 -4.38 7.93 -2.10
N GLY A 14 -3.78 7.73 -0.94
CA GLY A 14 -3.84 8.71 0.15
C GLY A 14 -2.51 9.35 0.51
N MET A 15 -1.44 8.56 0.50
CA MET A 15 -0.12 9.03 0.93
C MET A 15 0.99 8.69 -0.07
N CYS A 16 1.96 9.60 -0.18
CA CYS A 16 3.16 9.37 -0.99
C CYS A 16 4.36 9.14 -0.09
N LYS A 17 5.24 8.21 -0.50
CA LYS A 17 6.44 7.89 0.26
C LYS A 17 7.67 8.08 -0.61
N ALA A 18 8.56 8.98 -0.19
CA ALA A 18 9.75 9.33 -0.98
C ALA A 18 11.02 9.32 -0.13
N GLY A 19 12.13 8.96 -0.75
CA GLY A 19 13.43 8.93 -0.08
C GLY A 19 14.54 8.44 -0.98
N PHE A 20 15.51 7.76 -0.38
CA PHE A 20 16.71 7.34 -1.08
C PHE A 20 16.88 5.82 -1.06
N ALA A 21 17.25 5.27 -2.22
CA ALA A 21 17.65 3.88 -2.31
C ALA A 21 18.96 3.72 -1.54
N GLY A 22 18.91 2.90 -0.50
CA GLY A 22 20.03 2.77 0.43
C GLY A 22 19.53 2.99 1.83
N ASP A 23 18.68 4.00 2.01
CA ASP A 23 18.00 4.27 3.27
C ASP A 23 17.04 3.13 3.64
N ASP A 24 16.61 3.10 4.89
CA ASP A 24 15.70 2.05 5.37
C ASP A 24 14.29 2.57 5.64
N ALA A 25 14.12 3.89 5.54
CA ALA A 25 12.82 4.53 5.73
C ALA A 25 12.71 5.73 4.80
N PRO A 26 11.50 5.97 4.24
CA PRO A 26 11.33 7.13 3.38
C PRO A 26 11.50 8.43 4.17
N ARG A 27 12.21 9.38 3.58
CA ARG A 27 12.41 10.69 4.22
C ARG A 27 11.15 11.53 4.19
N ALA A 28 10.39 11.41 3.11
CA ALA A 28 9.18 12.21 2.91
C ALA A 28 7.92 11.36 2.86
N VAL A 29 6.95 11.71 3.70
CA VAL A 29 5.62 11.09 3.71
C VAL A 29 4.57 12.20 3.81
N PHE A 30 3.71 12.29 2.80
CA PHE A 30 2.71 13.36 2.71
C PHE A 30 1.47 12.93 1.91
N PRO A 31 0.31 13.56 2.16
CA PRO A 31 -0.92 13.23 1.45
C PRO A 31 -0.84 13.43 -0.07
N SER A 32 -1.55 12.58 -0.81
CA SER A 32 -1.63 12.67 -2.26
C SER A 32 -2.72 13.67 -2.67
N ILE A 33 -2.56 14.92 -2.22
CA ILE A 33 -3.54 15.97 -2.47
C ILE A 33 -2.92 17.12 -3.26
N VAL A 34 -3.54 17.45 -4.39
CA VAL A 34 -3.21 18.65 -5.15
C VAL A 34 -4.36 19.64 -5.00
N GLY A 35 -4.05 20.80 -4.42
CA GLY A 35 -5.06 21.80 -4.14
C GLY A 35 -5.00 23.03 -5.03
N ARG A 36 -6.17 23.45 -5.49
CA ARG A 36 -6.30 24.65 -6.33
C ARG A 36 -7.51 25.50 -5.92
N PRO A 37 -7.39 26.84 -6.06
CA PRO A 37 -8.49 27.76 -5.78
C PRO A 37 -9.74 27.44 -6.59
N ASP A 50 -0.88 29.32 -6.57
CA ASP A 50 -1.88 28.82 -7.57
C ASP A 50 -2.05 27.30 -7.53
N SER A 51 -1.04 26.60 -7.03
CA SER A 51 -1.10 25.14 -6.86
C SER A 51 -0.24 24.67 -5.69
N TYR A 52 -0.87 23.97 -4.74
CA TYR A 52 -0.18 23.41 -3.58
C TYR A 52 -0.27 21.88 -3.58
N VAL A 53 0.72 21.24 -2.96
CA VAL A 53 0.78 19.78 -2.88
C VAL A 53 1.07 19.30 -1.46
N GLY A 54 0.40 18.22 -1.06
CA GLY A 54 0.72 17.52 0.19
C GLY A 54 0.21 18.17 1.46
N ASP A 55 1.13 18.33 2.42
CA ASP A 55 0.81 18.87 3.75
C ASP A 55 0.25 20.28 3.70
N GLU A 56 0.87 21.13 2.88
CA GLU A 56 0.46 22.53 2.72
C GLU A 56 -0.98 22.65 2.25
N ALA A 57 -1.37 21.77 1.33
CA ALA A 57 -2.70 21.80 0.71
C ALA A 57 -3.84 21.41 1.66
N GLN A 58 -3.56 20.51 2.61
CA GLN A 58 -4.57 20.05 3.55
C GLN A 58 -5.00 21.17 4.52
N SER A 59 -4.07 22.05 4.85
CA SER A 59 -4.34 23.19 5.73
C SER A 59 -5.20 24.25 5.05
N LYS A 60 -4.85 24.58 3.81
CA LYS A 60 -5.53 25.65 3.06
C LYS A 60 -6.84 25.19 2.41
N ARG A 61 -7.29 23.99 2.77
CA ARG A 61 -8.52 23.39 2.23
C ARG A 61 -9.73 24.33 2.20
N GLY A 62 -9.77 25.28 3.12
CA GLY A 62 -10.85 26.27 3.19
C GLY A 62 -10.97 27.19 1.99
N ILE A 63 -9.83 27.48 1.35
CA ILE A 63 -9.80 28.37 0.17
C ILE A 63 -9.52 27.64 -1.14
N LEU A 64 -9.46 26.30 -1.08
CA LEU A 64 -9.11 25.49 -2.24
C LEU A 64 -10.08 24.34 -2.49
N THR A 65 -10.13 23.89 -3.75
CA THR A 65 -10.76 22.63 -4.10
C THR A 65 -9.67 21.57 -4.15
N LEU A 66 -9.87 20.49 -3.41
CA LEU A 66 -8.86 19.43 -3.29
C LEU A 66 -9.10 18.28 -4.26
N LYS A 67 -8.01 17.83 -4.90
CA LYS A 67 -8.08 16.75 -5.88
C LYS A 67 -7.16 15.59 -5.51
N TYR A 68 -7.62 14.37 -5.81
CA TYR A 68 -6.82 13.17 -5.60
C TYR A 68 -6.54 12.51 -6.95
N PRO A 69 -5.28 12.62 -7.43
CA PRO A 69 -4.88 12.12 -8.75
C PRO A 69 -4.88 10.59 -8.83
N ILE A 70 -4.74 9.93 -7.68
CA ILE A 70 -4.68 8.48 -7.62
C ILE A 70 -5.95 7.90 -6.99
N GLU A 71 -6.77 7.28 -7.82
CA GLU A 71 -8.01 6.63 -7.38
C GLU A 71 -7.84 5.12 -7.39
N HIS A 72 -8.05 4.51 -6.22
CA HIS A 72 -7.90 3.06 -6.03
C HIS A 72 -6.54 2.53 -6.52
N GLY A 73 -5.49 3.32 -6.33
CA GLY A 73 -4.14 2.94 -6.76
C GLY A 73 -3.79 3.33 -8.18
N ILE A 74 -4.80 3.70 -8.97
CA ILE A 74 -4.62 4.05 -10.38
C ILE A 74 -4.64 5.57 -10.57
N VAL A 75 -3.65 6.07 -11.30
CA VAL A 75 -3.55 7.50 -11.64
C VAL A 75 -4.64 7.88 -12.64
N THR A 76 -5.54 8.78 -12.24
CA THR A 76 -6.64 9.22 -13.08
C THR A 76 -6.42 10.62 -13.66
N ASN A 77 -5.61 11.43 -12.97
CA ASN A 77 -5.22 12.75 -13.46
C ASN A 77 -3.71 12.89 -13.54
N TRP A 78 -3.22 13.31 -14.70
CA TRP A 78 -1.79 13.34 -14.98
C TRP A 78 -1.13 14.70 -14.77
N ASP A 79 -1.94 15.77 -14.82
CA ASP A 79 -1.45 17.11 -14.54
C ASP A 79 -1.13 17.29 -13.07
N ASP A 80 -1.98 16.73 -12.22
CA ASP A 80 -1.82 16.77 -10.77
C ASP A 80 -0.71 15.83 -10.31
N MET A 81 -0.60 14.68 -10.99
CA MET A 81 0.45 13.70 -10.72
C MET A 81 1.84 14.29 -11.01
N GLU A 82 1.91 15.10 -12.06
CA GLU A 82 3.12 15.88 -12.38
C GLU A 82 3.48 16.83 -11.25
N LYS A 83 2.48 17.51 -10.70
CA LYS A 83 2.66 18.48 -9.63
C LYS A 83 3.10 17.81 -8.32
N ILE A 84 2.56 16.63 -8.05
CA ILE A 84 2.98 15.83 -6.89
C ILE A 84 4.44 15.42 -7.04
N TRP A 85 4.78 14.85 -8.19
CA TRP A 85 6.15 14.44 -8.49
C TRP A 85 7.14 15.61 -8.42
N HIS A 86 6.72 16.79 -8.88
CA HIS A 86 7.56 17.98 -8.83
C HIS A 86 7.85 18.42 -7.39
N HIS A 87 6.78 18.49 -6.60
CA HIS A 87 6.88 18.78 -5.16
C HIS A 87 7.74 17.75 -4.44
N THR A 88 7.75 16.53 -4.96
CA THR A 88 8.51 15.42 -4.39
C THR A 88 10.02 15.68 -4.41
N PHE A 89 10.56 16.13 -5.54
CA PHE A 89 12.00 16.38 -5.66
C PHE A 89 12.40 17.74 -5.10
N TYR A 90 11.83 18.80 -5.67
CA TYR A 90 12.25 20.18 -5.38
C TYR A 90 11.86 20.65 -3.98
N ASN A 91 10.61 20.46 -3.62
CA ASN A 91 10.11 20.91 -2.31
C ASN A 91 10.39 19.92 -1.18
N GLU A 92 10.10 18.63 -1.40
CA GLU A 92 10.22 17.61 -0.37
C GLU A 92 11.65 17.09 -0.16
N LEU A 93 12.24 16.54 -1.22
CA LEU A 93 13.56 15.92 -1.13
C LEU A 93 14.70 16.92 -1.36
N ARG A 94 14.35 18.14 -1.76
CA ARG A 94 15.30 19.22 -2.06
C ARG A 94 16.45 18.77 -3.00
N VAL A 95 16.11 17.92 -3.97
CA VAL A 95 17.04 17.46 -5.00
C VAL A 95 16.44 17.70 -6.40
N ALA A 96 17.17 17.29 -7.43
CA ALA A 96 16.74 17.48 -8.81
C ALA A 96 16.71 16.15 -9.58
N PRO A 97 15.63 15.93 -10.37
CA PRO A 97 15.37 14.66 -11.06
C PRO A 97 16.41 14.21 -12.08
N GLU A 98 17.06 15.15 -12.76
CA GLU A 98 18.02 14.82 -13.82
C GLU A 98 19.39 14.35 -13.29
N GLU A 99 19.56 14.39 -11.97
CA GLU A 99 20.79 13.94 -11.33
C GLU A 99 20.71 12.47 -10.91
N HIS A 100 19.48 11.96 -10.75
CA HIS A 100 19.26 10.65 -10.12
C HIS A 100 18.38 9.71 -10.95
N PRO A 101 18.64 8.38 -10.83
CA PRO A 101 17.69 7.38 -11.29
C PRO A 101 16.46 7.34 -10.38
N VAL A 102 15.29 7.07 -10.94
CA VAL A 102 14.04 7.09 -10.17
C VAL A 102 13.31 5.76 -10.24
N LEU A 103 13.03 5.18 -9.08
CA LEU A 103 12.19 4.00 -8.99
C LEU A 103 10.77 4.41 -8.62
N LEU A 104 9.86 4.21 -9.56
CA LEU A 104 8.44 4.46 -9.33
C LEU A 104 7.72 3.16 -9.04
N THR A 105 6.60 3.25 -8.32
CA THR A 105 5.79 2.08 -8.01
C THR A 105 4.45 2.15 -8.74
N GLU A 106 3.94 1.01 -9.16
CA GLU A 106 2.63 0.95 -9.83
C GLU A 106 1.71 -0.05 -9.15
N ALA A 107 0.41 0.15 -9.35
CA ALA A 107 -0.62 -0.77 -8.85
C ALA A 107 -0.63 -2.06 -9.68
N PRO A 108 -0.99 -3.19 -9.06
CA PRO A 108 -1.22 -4.44 -9.79
C PRO A 108 -2.30 -4.27 -10.85
N LEU A 109 -2.06 -4.85 -12.03
CA LEU A 109 -2.95 -4.71 -13.19
C LEU A 109 -3.11 -3.27 -13.66
N ASN A 110 -2.03 -2.50 -13.56
CA ASN A 110 -1.98 -1.13 -14.07
C ASN A 110 -2.06 -1.14 -15.59
N PRO A 111 -3.00 -0.36 -16.17
CA PRO A 111 -3.16 -0.29 -17.62
C PRO A 111 -1.85 0.04 -18.34
N LYS A 112 -1.61 -0.65 -19.46
CA LYS A 112 -0.39 -0.49 -20.26
C LYS A 112 -0.08 0.97 -20.61
N ALA A 113 -1.13 1.72 -20.93
CA ALA A 113 -1.01 3.14 -21.29
C ALA A 113 -0.51 4.00 -20.12
N ASN A 114 -1.04 3.73 -18.92
CA ASN A 114 -0.62 4.41 -17.70
C ASN A 114 0.87 4.22 -17.43
N ARG A 115 1.36 3.02 -17.70
CA ARG A 115 2.77 2.67 -17.55
C ARG A 115 3.64 3.44 -18.52
N GLU A 116 3.16 3.58 -19.76
CA GLU A 116 3.87 4.33 -20.81
C GLU A 116 3.91 5.82 -20.53
N LYS A 117 2.77 6.36 -20.07
CA LYS A 117 2.65 7.77 -19.72
C LYS A 117 3.53 8.11 -18.52
N MET A 118 3.68 7.12 -17.63
CA MET A 118 4.53 7.23 -16.44
C MET A 118 6.00 7.31 -16.84
N THR A 119 6.36 6.58 -17.89
CA THR A 119 7.73 6.53 -18.41
C THR A 119 8.05 7.80 -19.20
N GLN A 120 7.07 8.27 -19.97
CA GLN A 120 7.20 9.48 -20.76
C GLN A 120 7.43 10.72 -19.87
N ILE A 121 6.60 10.86 -18.85
CA ILE A 121 6.65 12.01 -17.94
C ILE A 121 8.00 12.14 -17.23
N MET A 122 8.57 11.02 -16.80
CA MET A 122 9.86 11.02 -16.12
C MET A 122 11.00 11.51 -17.03
N PHE A 123 11.12 10.89 -18.20
CA PHE A 123 12.24 11.16 -19.11
C PHE A 123 12.16 12.51 -19.81
N GLU A 124 10.99 12.85 -20.34
CA GLU A 124 10.82 14.06 -21.15
C GLU A 124 10.53 15.32 -20.34
N THR A 125 9.88 15.15 -19.19
CA THR A 125 9.49 16.30 -18.35
C THR A 125 10.49 16.56 -17.22
N PHE A 126 11.10 15.50 -16.69
CA PHE A 126 12.04 15.62 -15.57
C PHE A 126 13.49 15.28 -15.95
N ASN A 127 13.67 14.80 -17.18
CA ASN A 127 14.99 14.38 -17.70
C ASN A 127 15.75 13.37 -16.84
N THR A 128 15.01 12.43 -16.27
CA THR A 128 15.60 11.32 -15.53
C THR A 128 16.62 10.59 -16.42
N PRO A 129 17.86 10.43 -15.93
CA PRO A 129 18.85 9.66 -16.67
C PRO A 129 18.53 8.17 -16.68
N ALA A 130 17.75 7.73 -15.69
CA ALA A 130 17.28 6.35 -15.59
C ALA A 130 15.96 6.29 -14.82
N MET A 131 15.16 5.27 -15.12
CA MET A 131 13.93 5.00 -14.36
C MET A 131 13.48 3.54 -14.46
N TYR A 132 12.65 3.14 -13.49
CA TYR A 132 12.07 1.80 -13.45
C TYR A 132 10.71 1.87 -12.74
N VAL A 133 9.77 1.05 -13.20
CA VAL A 133 8.48 0.93 -12.54
C VAL A 133 8.22 -0.50 -12.07
N ALA A 134 8.05 -0.67 -10.77
CA ALA A 134 7.82 -1.97 -10.16
C ALA A 134 6.44 -2.03 -9.52
N ILE A 135 5.86 -3.23 -9.49
CA ILE A 135 4.56 -3.45 -8.87
C ILE A 135 4.69 -3.39 -7.35
N GLN A 136 3.78 -2.66 -6.72
CA GLN A 136 3.80 -2.36 -5.28
C GLN A 136 3.86 -3.60 -4.38
N ALA A 137 3.06 -4.61 -4.72
CA ALA A 137 2.99 -5.85 -3.94
C ALA A 137 4.27 -6.67 -4.07
N VAL A 138 4.83 -6.72 -5.28
CA VAL A 138 6.09 -7.40 -5.56
C VAL A 138 7.23 -6.84 -4.70
N LEU A 139 7.22 -5.52 -4.51
CA LEU A 139 8.22 -4.84 -3.68
C LEU A 139 8.09 -5.19 -2.19
N SER A 140 6.85 -5.28 -1.71
CA SER A 140 6.56 -5.66 -0.33
C SER A 140 7.06 -7.08 -0.04
N LEU A 141 6.88 -7.97 -1.01
CA LEU A 141 7.37 -9.34 -0.93
C LEU A 141 8.90 -9.37 -0.82
N TYR A 142 9.55 -8.53 -1.63
CA TYR A 142 11.01 -8.40 -1.61
C TYR A 142 11.49 -7.89 -0.25
N ALA A 143 10.80 -6.88 0.28
CA ALA A 143 11.13 -6.28 1.58
C ALA A 143 11.15 -7.31 2.69
N SER A 144 10.31 -8.33 2.58
CA SER A 144 10.25 -9.42 3.56
C SER A 144 11.38 -10.43 3.37
N GLY A 145 12.04 -10.39 2.20
CA GLY A 145 13.14 -11.30 1.89
C GLY A 145 12.71 -12.50 1.07
N ARG A 146 11.56 -12.39 0.42
CA ARG A 146 11.02 -13.44 -0.44
C ARG A 146 10.96 -12.99 -1.89
N THR A 147 10.96 -13.96 -2.81
CA THR A 147 10.80 -13.68 -4.23
C THR A 147 9.55 -14.37 -4.77
N THR A 148 9.11 -15.41 -4.07
CA THR A 148 7.88 -16.12 -4.38
C THR A 148 6.94 -16.12 -3.17
N GLY A 149 5.68 -15.78 -3.41
CA GLY A 149 4.66 -15.74 -2.36
C GLY A 149 3.43 -14.98 -2.80
N ILE A 150 2.49 -14.78 -1.87
CA ILE A 150 1.29 -14.00 -2.14
C ILE A 150 1.18 -12.81 -1.19
N VAL A 151 0.90 -11.63 -1.74
CA VAL A 151 0.82 -10.41 -0.95
C VAL A 151 -0.61 -9.85 -0.91
N LEU A 152 -1.12 -9.66 0.31
CA LEU A 152 -2.31 -8.87 0.52
C LEU A 152 -1.88 -7.44 0.81
N ASP A 153 -2.13 -6.55 -0.15
CA ASP A 153 -1.82 -5.14 0.00
C ASP A 153 -3.12 -4.35 0.17
N SER A 154 -3.32 -3.85 1.39
CA SER A 154 -4.50 -3.05 1.71
C SER A 154 -4.07 -1.65 2.15
N GLY A 155 -4.42 -0.66 1.32
CA GLY A 155 -4.00 0.72 1.56
C GLY A 155 -5.14 1.64 1.98
N ASP A 156 -5.20 2.80 1.35
CA ASP A 156 -6.27 3.77 1.62
C ASP A 156 -7.44 3.60 0.66
N GLY A 157 -7.13 3.28 -0.59
CA GLY A 157 -8.14 3.18 -1.64
C GLY A 157 -8.49 1.79 -2.11
N VAL A 158 -7.52 0.89 -2.10
CA VAL A 158 -7.70 -0.44 -2.72
C VAL A 158 -7.01 -1.58 -1.95
N SER A 159 -7.63 -2.76 -2.02
CA SER A 159 -7.02 -4.00 -1.51
C SER A 159 -6.75 -4.95 -2.67
N HIS A 160 -5.50 -5.40 -2.78
CA HIS A 160 -5.10 -6.35 -3.80
C HIS A 160 -4.56 -7.64 -3.21
N THR A 161 -4.95 -8.76 -3.79
CA THR A 161 -4.32 -10.05 -3.48
C THR A 161 -3.49 -10.46 -4.71
N VAL A 162 -2.17 -10.48 -4.52
CA VAL A 162 -1.24 -10.65 -5.63
C VAL A 162 -0.30 -11.84 -5.42
N PRO A 163 -0.56 -12.96 -6.12
CA PRO A 163 0.35 -14.09 -6.14
C PRO A 163 1.56 -13.79 -7.02
N ILE A 164 2.76 -13.91 -6.43
CA ILE A 164 4.00 -13.59 -7.12
C ILE A 164 4.89 -14.81 -7.20
N TYR A 165 5.30 -15.17 -8.41
CA TYR A 165 6.21 -16.27 -8.65
C TYR A 165 7.55 -15.73 -9.15
N GLU A 166 8.59 -15.90 -8.34
CA GLU A 166 9.96 -15.48 -8.66
C GLU A 166 10.05 -14.08 -9.27
N GLY A 167 9.30 -13.14 -8.70
CA GLY A 167 9.30 -11.75 -9.17
C GLY A 167 8.17 -11.38 -10.10
N TYR A 168 7.54 -12.39 -10.72
CA TYR A 168 6.42 -12.16 -11.61
C TYR A 168 5.09 -12.17 -10.84
N ALA A 169 4.41 -11.04 -10.84
CA ALA A 169 3.02 -11.00 -10.41
C ALA A 169 2.20 -11.73 -11.48
N LEU A 170 1.32 -12.62 -11.04
CA LEU A 170 0.53 -13.43 -11.97
C LEU A 170 -0.82 -12.76 -12.24
N PRO A 171 -0.92 -12.06 -13.40
CA PRO A 171 -2.05 -11.18 -13.74
C PRO A 171 -3.41 -11.89 -13.72
N HIS A 172 -3.43 -13.15 -14.14
CA HIS A 172 -4.68 -13.92 -14.19
C HIS A 172 -5.22 -14.25 -12.79
N ALA A 173 -4.34 -14.17 -11.79
CA ALA A 173 -4.68 -14.54 -10.42
C ALA A 173 -4.81 -13.36 -9.45
N ILE A 174 -4.54 -12.14 -9.95
CA ILE A 174 -4.67 -10.93 -9.13
C ILE A 174 -6.15 -10.56 -8.96
N LEU A 175 -6.55 -10.28 -7.73
CA LEU A 175 -7.91 -9.83 -7.43
C LEU A 175 -7.92 -8.46 -6.76
N ARG A 176 -8.92 -7.66 -7.14
CA ARG A 176 -9.04 -6.29 -6.66
C ARG A 176 -10.34 -6.09 -5.88
N LEU A 177 -10.22 -5.45 -4.71
CA LEU A 177 -11.36 -5.12 -3.87
C LEU A 177 -11.27 -3.66 -3.43
N ASP A 178 -12.26 -2.87 -3.83
CA ASP A 178 -12.30 -1.44 -3.48
C ASP A 178 -12.83 -1.22 -2.07
N LEU A 179 -12.12 -1.80 -1.10
CA LEU A 179 -12.44 -1.68 0.31
C LEU A 179 -11.12 -1.57 1.06
N ALA A 180 -10.87 -0.39 1.63
CA ALA A 180 -9.61 -0.12 2.32
C ALA A 180 -9.79 0.89 3.46
N GLY A 181 -8.70 1.53 3.86
CA GLY A 181 -8.67 2.44 5.00
C GLY A 181 -9.68 3.57 4.98
N ARG A 182 -9.79 4.24 3.83
CA ARG A 182 -10.75 5.33 3.63
C ARG A 182 -12.18 4.88 3.90
N ASP A 183 -12.53 3.69 3.41
CA ASP A 183 -13.84 3.08 3.63
C ASP A 183 -14.07 2.71 5.09
N LEU A 184 -13.00 2.30 5.77
CA LEU A 184 -13.07 1.93 7.19
C LEU A 184 -13.17 3.14 8.10
N THR A 185 -12.48 4.23 7.73
CA THR A 185 -12.59 5.50 8.43
C THR A 185 -14.03 6.02 8.37
N ASP A 186 -14.63 5.93 7.18
CA ASP A 186 -16.02 6.34 6.96
C ASP A 186 -17.01 5.44 7.73
N TYR A 187 -16.68 4.15 7.82
CA TYR A 187 -17.53 3.20 8.54
C TYR A 187 -17.50 3.44 10.05
N LEU A 188 -16.33 3.80 10.57
CA LEU A 188 -16.19 4.12 12.00
C LEU A 188 -16.96 5.38 12.37
N MET A 189 -16.89 6.40 11.51
CA MET A 189 -17.68 7.61 11.65
C MET A 189 -19.16 7.29 11.81
N LYS A 190 -19.65 6.39 10.96
CA LYS A 190 -21.06 6.00 10.90
C LYS A 190 -21.54 5.28 12.15
N ILE A 191 -20.76 4.31 12.63
CA ILE A 191 -21.14 3.50 13.79
C ILE A 191 -20.97 4.25 15.11
N LEU A 192 -20.08 5.23 15.14
CA LEU A 192 -19.95 6.14 16.27
C LEU A 192 -21.10 7.15 16.27
N THR A 193 -21.54 7.53 15.07
CA THR A 193 -22.71 8.40 14.90
C THR A 193 -23.97 7.71 15.42
N GLU A 194 -24.08 6.40 15.14
CA GLU A 194 -25.17 5.58 15.63
C GLU A 194 -25.16 5.46 17.16
N ARG A 195 -23.96 5.53 17.76
CA ARG A 195 -23.81 5.35 19.21
C ARG A 195 -23.98 6.66 19.99
N GLY A 196 -23.92 7.80 19.30
CA GLY A 196 -24.20 9.09 19.93
C GLY A 196 -23.49 10.31 19.35
N TYR A 197 -22.18 10.16 19.11
CA TYR A 197 -21.33 11.27 18.67
C TYR A 197 -21.67 11.76 17.26
N SER A 198 -21.36 13.02 16.97
CA SER A 198 -21.59 13.59 15.65
C SER A 198 -20.28 14.05 15.02
N PHE A 199 -19.97 13.48 13.87
CA PHE A 199 -18.76 13.84 13.13
C PHE A 199 -19.12 14.46 11.78
N THR A 200 -18.99 15.79 11.72
CA THR A 200 -19.47 16.58 10.58
C THR A 200 -18.36 17.25 9.76
N THR A 201 -17.34 17.75 10.44
CA THR A 201 -16.24 18.45 9.77
C THR A 201 -15.14 17.51 9.31
N THR A 202 -14.26 18.00 8.43
CA THR A 202 -13.11 17.23 7.96
C THR A 202 -12.02 17.12 9.01
N GLU A 203 -11.96 18.10 9.91
CA GLU A 203 -11.06 18.02 11.06
C GLU A 203 -11.55 16.98 12.07
N GLU A 204 -12.85 16.66 12.00
CA GLU A 204 -13.44 15.60 12.81
C GLU A 204 -13.25 14.22 12.17
N ARG A 205 -13.20 14.16 10.84
CA ARG A 205 -12.88 12.92 10.14
C ARG A 205 -11.44 12.50 10.41
N GLU A 206 -10.53 13.48 10.40
CA GLU A 206 -9.12 13.24 10.69
C GLU A 206 -8.88 12.81 12.14
N ILE A 207 -9.88 13.03 12.99
CA ILE A 207 -9.89 12.52 14.36
C ILE A 207 -10.34 11.05 14.36
N VAL A 208 -11.45 10.78 13.67
CA VAL A 208 -12.00 9.41 13.56
C VAL A 208 -10.99 8.47 12.93
N ARG A 209 -10.25 8.98 11.94
CA ARG A 209 -9.16 8.27 11.30
C ARG A 209 -8.04 7.93 12.29
N ASP A 210 -7.74 8.87 13.18
CA ASP A 210 -6.74 8.66 14.23
C ASP A 210 -7.23 7.65 15.27
N ILE A 211 -8.51 7.73 15.63
CA ILE A 211 -9.14 6.76 16.53
C ILE A 211 -9.01 5.34 15.96
N LYS A 212 -9.30 5.22 14.67
CA LYS A 212 -9.18 3.98 13.92
C LYS A 212 -7.76 3.41 13.99
N GLU A 213 -6.77 4.27 13.81
CA GLU A 213 -5.36 3.87 13.78
C GLU A 213 -4.79 3.55 15.17
N LYS A 214 -5.41 4.09 16.22
CA LYS A 214 -4.90 3.92 17.58
C LYS A 214 -5.53 2.76 18.33
N LEU A 215 -6.86 2.64 18.26
CA LEU A 215 -7.60 1.76 19.15
C LEU A 215 -8.17 0.51 18.49
N CYS A 216 -8.59 0.63 17.24
CA CYS A 216 -9.23 -0.47 16.52
C CYS A 216 -8.36 -1.72 16.43
N TYR A 217 -9.01 -2.88 16.43
CA TYR A 217 -8.31 -4.16 16.31
C TYR A 217 -9.21 -5.22 15.65
N VAL A 218 -8.61 -6.27 15.13
CA VAL A 218 -9.37 -7.35 14.51
C VAL A 218 -9.64 -8.46 15.51
N ALA A 219 -10.92 -8.79 15.69
CA ALA A 219 -11.33 -9.86 16.59
C ALA A 219 -11.08 -11.22 15.95
N LEU A 220 -10.56 -12.15 16.76
CA LEU A 220 -10.30 -13.53 16.33
C LEU A 220 -11.62 -14.25 16.03
N ASP A 221 -12.57 -14.11 16.94
CA ASP A 221 -13.94 -14.57 16.74
C ASP A 221 -14.84 -13.36 16.96
N PHE A 222 -15.45 -12.88 15.88
CA PHE A 222 -16.25 -11.65 15.92
C PHE A 222 -17.48 -11.75 16.82
N GLU A 223 -18.26 -12.81 16.63
CA GLU A 223 -19.48 -13.04 17.41
C GLU A 223 -19.23 -13.21 18.90
N GLN A 224 -18.15 -13.89 19.24
CA GLN A 224 -17.71 -14.07 20.63
C GLN A 224 -17.29 -12.72 21.24
N GLU A 225 -16.59 -11.92 20.45
CA GLU A 225 -16.11 -10.61 20.87
C GLU A 225 -17.27 -9.63 21.07
N MET A 226 -18.30 -9.77 20.24
CA MET A 226 -19.53 -8.98 20.36
C MET A 226 -20.29 -9.32 21.65
N ALA A 227 -20.27 -10.60 22.02
CA ALA A 227 -20.87 -11.06 23.26
C ALA A 227 -20.09 -10.55 24.48
N THR A 228 -18.77 -10.48 24.34
CA THR A 228 -17.88 -9.98 25.40
C THR A 228 -18.10 -8.48 25.65
N ALA A 229 -18.32 -7.72 24.57
CA ALA A 229 -18.54 -6.28 24.66
C ALA A 229 -19.92 -5.92 25.20
N ALA A 230 -20.85 -6.87 25.13
CA ALA A 230 -22.23 -6.65 25.57
C ALA A 230 -22.47 -7.06 27.03
N SER A 231 -21.50 -7.75 27.63
CA SER A 231 -21.63 -8.25 29.00
C SER A 231 -20.78 -7.48 30.01
N SER A 232 -19.70 -6.88 29.54
CA SER A 232 -18.82 -6.06 30.38
C SER A 232 -18.19 -4.91 29.59
N SER A 233 -17.46 -4.05 30.29
CA SER A 233 -16.76 -2.93 29.66
C SER A 233 -15.26 -3.21 29.51
N SER A 234 -14.90 -4.48 29.52
CA SER A 234 -13.50 -4.92 29.49
C SER A 234 -12.76 -4.59 28.20
N LEU A 235 -13.50 -4.42 27.11
CA LEU A 235 -12.90 -4.15 25.79
C LEU A 235 -12.90 -2.67 25.42
N GLU A 236 -13.43 -1.83 26.31
CA GLU A 236 -13.54 -0.40 26.05
C GLU A 236 -12.21 0.35 26.20
N LYS A 237 -12.02 1.36 25.35
CA LYS A 237 -10.88 2.25 25.44
C LYS A 237 -11.32 3.71 25.37
N SER A 238 -10.58 4.58 26.04
CA SER A 238 -10.89 6.00 26.08
C SER A 238 -9.91 6.81 25.24
N TYR A 239 -10.44 7.55 24.27
CA TYR A 239 -9.63 8.42 23.42
C TYR A 239 -9.81 9.87 23.84
N GLU A 240 -8.71 10.52 24.24
CA GLU A 240 -8.76 11.91 24.68
C GLU A 240 -8.59 12.86 23.50
N LEU A 241 -9.48 13.86 23.44
CA LEU A 241 -9.42 14.89 22.40
C LEU A 241 -8.46 16.02 22.77
N LYS A 242 -8.11 16.82 21.77
CA LYS A 242 -7.24 17.99 21.92
C LYS A 242 -7.74 19.01 22.95
N ASP A 243 -9.05 19.16 23.05
CA ASP A 243 -9.67 20.09 24.01
C ASP A 243 -9.79 19.50 25.42
N GLY A 244 -9.50 18.21 25.56
CA GLY A 244 -9.53 17.54 26.86
C GLY A 244 -10.65 16.53 27.00
N GLN A 245 -11.74 16.76 26.28
CA GLN A 245 -12.92 15.88 26.28
C GLN A 245 -12.56 14.47 25.81
N VAL A 246 -13.05 13.47 26.54
CA VAL A 246 -12.72 12.07 26.28
C VAL A 246 -13.90 11.33 25.66
N ILE A 247 -13.64 10.57 24.59
CA ILE A 247 -14.67 9.71 23.99
C ILE A 247 -14.37 8.23 24.23
N THR A 248 -15.42 7.44 24.44
CA THR A 248 -15.29 6.03 24.77
C THR A 248 -15.82 5.12 23.65
N ILE A 249 -15.03 4.11 23.32
CA ILE A 249 -15.31 3.22 22.19
C ILE A 249 -15.31 1.76 22.64
N GLY A 250 -16.39 1.05 22.32
CA GLY A 250 -16.56 -0.35 22.73
C GLY A 250 -16.35 -1.34 21.60
N ASN A 251 -17.45 -1.91 21.11
CA ASN A 251 -17.39 -2.90 20.03
C ASN A 251 -17.03 -2.31 18.66
N GLU A 252 -17.12 -0.99 18.55
CA GLU A 252 -16.72 -0.27 17.34
C GLU A 252 -15.23 -0.47 17.04
N ARG A 253 -14.46 -0.75 18.09
CA ARG A 253 -13.03 -1.04 17.98
C ARG A 253 -12.75 -2.19 17.02
N PHE A 254 -13.55 -3.25 17.09
CA PHE A 254 -13.35 -4.41 16.24
C PHE A 254 -14.40 -4.57 15.14
N ARG A 255 -15.54 -3.90 15.29
CA ARG A 255 -16.58 -3.89 14.25
C ARG A 255 -16.12 -3.15 13.00
N CYS A 256 -15.26 -2.15 13.19
CA CYS A 256 -14.72 -1.36 12.08
C CYS A 256 -13.87 -2.19 11.11
N PRO A 257 -12.75 -2.79 11.59
CA PRO A 257 -11.95 -3.59 10.66
C PRO A 257 -12.57 -4.95 10.32
N GLU A 258 -13.71 -5.28 10.94
CA GLU A 258 -14.46 -6.49 10.61
C GLU A 258 -15.01 -6.42 9.18
N ALA A 259 -15.29 -5.19 8.73
CA ALA A 259 -15.75 -4.95 7.35
C ALA A 259 -14.78 -5.46 6.29
N LEU A 260 -13.51 -5.63 6.67
CA LEU A 260 -12.50 -6.24 5.80
C LEU A 260 -12.81 -7.71 5.52
N PHE A 261 -13.41 -8.39 6.50
CA PHE A 261 -13.73 -9.81 6.39
C PHE A 261 -15.19 -10.02 6.00
N GLN A 262 -16.02 -9.01 6.27
CA GLN A 262 -17.42 -9.02 5.85
C GLN A 262 -17.76 -7.70 5.16
N PRO A 263 -17.44 -7.57 3.86
CA PRO A 263 -17.77 -6.36 3.08
C PRO A 263 -19.27 -6.03 3.13
N SER A 264 -20.08 -7.01 3.52
CA SER A 264 -21.53 -6.86 3.73
C SER A 264 -21.87 -5.75 4.74
N PHE A 265 -20.97 -5.53 5.70
CA PHE A 265 -21.11 -4.46 6.71
C PHE A 265 -21.22 -3.09 6.05
N LEU A 266 -20.65 -2.95 4.86
CA LEU A 266 -20.65 -1.71 4.10
C LEU A 266 -21.68 -1.71 2.96
N GLY A 267 -22.44 -2.80 2.86
CA GLY A 267 -23.41 -2.97 1.79
C GLY A 267 -22.77 -3.44 0.49
N MET A 268 -21.64 -4.12 0.62
CA MET A 268 -20.92 -4.67 -0.54
C MET A 268 -21.19 -6.16 -0.74
N GLU A 269 -21.31 -6.55 -2.00
CA GLU A 269 -21.44 -7.95 -2.39
C GLU A 269 -20.07 -8.48 -2.78
N ALA A 270 -19.20 -8.61 -1.78
CA ALA A 270 -17.82 -9.04 -2.03
C ALA A 270 -17.31 -10.00 -0.96
N CYS A 271 -16.32 -10.80 -1.34
CA CYS A 271 -15.62 -11.67 -0.41
C CYS A 271 -14.68 -10.83 0.44
N GLY A 272 -14.52 -11.23 1.70
CA GLY A 272 -13.55 -10.60 2.60
C GLY A 272 -12.13 -10.81 2.13
N ILE A 273 -11.19 -10.09 2.73
CA ILE A 273 -9.77 -10.19 2.37
C ILE A 273 -9.20 -11.60 2.48
N HIS A 274 -9.77 -12.39 3.40
CA HIS A 274 -9.36 -13.77 3.63
C HIS A 274 -9.76 -14.71 2.49
N GLU A 275 -11.01 -14.63 2.06
CA GLU A 275 -11.52 -15.47 0.98
C GLU A 275 -11.03 -14.97 -0.38
N THR A 276 -10.74 -13.67 -0.47
CA THR A 276 -10.13 -13.09 -1.66
C THR A 276 -8.70 -13.63 -1.84
N THR A 277 -7.98 -13.74 -0.72
CA THR A 277 -6.65 -14.34 -0.70
C THR A 277 -6.71 -15.81 -1.10
N TYR A 278 -7.67 -16.54 -0.52
CA TYR A 278 -7.90 -17.95 -0.85
C TYR A 278 -8.22 -18.12 -2.34
N ASN A 279 -9.19 -17.34 -2.83
CA ASN A 279 -9.60 -17.40 -4.24
C ASN A 279 -8.46 -17.15 -5.23
N SER A 280 -7.52 -16.28 -4.85
CA SER A 280 -6.34 -15.98 -5.67
C SER A 280 -5.37 -17.14 -5.74
N ILE A 281 -5.13 -17.79 -4.61
CA ILE A 281 -4.28 -18.98 -4.54
C ILE A 281 -4.88 -20.11 -5.39
N MET A 282 -6.20 -20.18 -5.42
CA MET A 282 -6.92 -21.21 -6.16
C MET A 282 -6.99 -20.97 -7.67
N LYS A 283 -6.58 -19.78 -8.10
CA LYS A 283 -6.50 -19.45 -9.53
C LYS A 283 -5.11 -19.76 -10.10
N CYS A 284 -4.16 -20.04 -9.21
CA CYS A 284 -2.79 -20.34 -9.59
C CYS A 284 -2.62 -21.81 -9.98
N ASP A 285 -1.46 -22.15 -10.51
CA ASP A 285 -1.10 -23.53 -10.79
C ASP A 285 -1.07 -24.32 -9.48
N VAL A 286 -1.66 -25.51 -9.50
CA VAL A 286 -1.78 -26.36 -8.30
C VAL A 286 -0.44 -26.62 -7.59
N ASP A 287 0.65 -26.58 -8.36
CA ASP A 287 1.99 -26.91 -7.84
C ASP A 287 2.73 -25.75 -7.17
N ILE A 288 2.11 -24.57 -7.09
CA ILE A 288 2.75 -23.42 -6.44
C ILE A 288 2.03 -22.95 -5.16
N ARG A 289 0.80 -23.44 -4.98
CA ARG A 289 -0.08 -23.03 -3.88
C ARG A 289 0.51 -23.28 -2.49
N LYS A 290 1.14 -24.43 -2.32
CA LYS A 290 1.69 -24.85 -1.02
C LYS A 290 2.80 -23.93 -0.51
N ASP A 291 3.42 -23.19 -1.44
CA ASP A 291 4.38 -22.15 -1.08
C ASP A 291 3.67 -20.83 -0.79
N LEU A 292 2.56 -20.57 -1.49
CA LEU A 292 1.78 -19.35 -1.30
C LEU A 292 1.06 -19.35 0.04
N TYR A 293 0.45 -20.49 0.38
CA TYR A 293 -0.24 -20.67 1.67
C TYR A 293 0.70 -20.41 2.86
N ALA A 294 1.98 -20.73 2.69
CA ALA A 294 2.98 -20.57 3.74
C ALA A 294 3.79 -19.28 3.60
N ASN A 295 3.56 -18.55 2.51
CA ASN A 295 4.24 -17.27 2.28
C ASN A 295 3.26 -16.13 1.98
N THR A 296 2.19 -16.07 2.77
CA THR A 296 1.19 -15.01 2.66
C THR A 296 1.64 -13.78 3.45
N VAL A 297 2.09 -12.77 2.73
CA VAL A 297 2.64 -11.55 3.34
C VAL A 297 1.60 -10.42 3.34
N LEU A 298 1.49 -9.72 4.46
CA LEU A 298 0.59 -8.58 4.58
C LEU A 298 1.35 -7.27 4.42
N SER A 299 0.78 -6.35 3.66
CA SER A 299 1.38 -5.03 3.43
C SER A 299 0.31 -3.94 3.30
N GLY A 300 0.75 -2.69 3.37
CA GLY A 300 -0.16 -1.56 3.32
C GLY A 300 -0.61 -1.15 4.70
N GLY A 301 -0.97 0.13 4.85
CA GLY A 301 -1.37 0.69 6.13
C GLY A 301 -2.57 0.05 6.79
N THR A 302 -3.50 -0.45 5.97
CA THR A 302 -4.75 -1.04 6.48
C THR A 302 -4.57 -2.48 7.01
N THR A 303 -3.34 -3.00 6.94
CA THR A 303 -3.04 -4.30 7.54
C THR A 303 -2.34 -4.15 8.90
N MET A 304 -2.41 -2.96 9.48
CA MET A 304 -1.70 -2.66 10.72
C MET A 304 -2.48 -2.97 12.00
N TYR A 305 -3.77 -3.28 11.86
CA TYR A 305 -4.62 -3.60 13.01
C TYR A 305 -4.06 -4.77 13.81
N PRO A 306 -3.96 -4.60 15.15
CA PRO A 306 -3.57 -5.72 15.99
C PRO A 306 -4.52 -6.91 15.84
N GLY A 307 -3.96 -8.11 15.67
CA GLY A 307 -4.76 -9.33 15.57
C GLY A 307 -5.25 -9.69 14.19
N ILE A 308 -4.82 -8.96 13.17
CA ILE A 308 -5.20 -9.26 11.78
C ILE A 308 -4.48 -10.52 11.26
N ALA A 309 -3.22 -10.69 11.68
CA ALA A 309 -2.41 -11.84 11.28
C ALA A 309 -3.00 -13.15 11.78
N ASP A 310 -3.43 -13.16 13.05
CA ASP A 310 -4.04 -14.32 13.68
C ASP A 310 -5.41 -14.65 13.10
N ARG A 311 -6.18 -13.60 12.77
CA ARG A 311 -7.50 -13.76 12.17
C ARG A 311 -7.38 -14.29 10.74
N MET A 312 -6.51 -13.70 9.94
CA MET A 312 -6.22 -14.17 8.58
C MET A 312 -5.79 -15.64 8.60
N GLN A 313 -4.92 -15.96 9.55
CA GLN A 313 -4.46 -17.33 9.79
C GLN A 313 -5.63 -18.27 10.06
N LYS A 314 -6.52 -17.86 10.96
CA LYS A 314 -7.69 -18.65 11.34
C LYS A 314 -8.65 -18.88 10.17
N GLU A 315 -8.89 -17.83 9.40
CA GLU A 315 -9.87 -17.87 8.31
C GLU A 315 -9.39 -18.66 7.09
N ILE A 316 -8.12 -18.51 6.73
CA ILE A 316 -7.54 -19.24 5.61
C ILE A 316 -7.40 -20.74 5.93
N THR A 317 -7.13 -21.05 7.20
CA THR A 317 -7.07 -22.42 7.69
C THR A 317 -8.39 -23.16 7.46
N ALA A 318 -9.51 -22.45 7.59
CA ALA A 318 -10.83 -23.01 7.36
C ALA A 318 -11.13 -23.29 5.88
N LEU A 319 -10.48 -22.53 5.00
CA LEU A 319 -10.69 -22.67 3.56
C LEU A 319 -9.65 -23.56 2.89
N ALA A 320 -8.44 -23.58 3.43
CA ALA A 320 -7.35 -24.37 2.90
C ALA A 320 -7.46 -25.85 3.32
N PRO A 321 -6.83 -26.76 2.54
CA PRO A 321 -6.72 -28.16 2.93
C PRO A 321 -6.18 -28.32 4.35
N SER A 322 -6.76 -29.25 5.10
CA SER A 322 -6.42 -29.45 6.52
C SER A 322 -4.98 -29.91 6.75
N THR A 323 -4.39 -30.54 5.73
CA THR A 323 -2.98 -30.96 5.77
C THR A 323 -2.03 -29.77 5.59
N MET A 324 -2.54 -28.69 5.01
CA MET A 324 -1.73 -27.55 4.56
C MET A 324 -1.06 -26.77 5.70
N LYS A 325 0.15 -26.28 5.41
CA LYS A 325 0.82 -25.34 6.29
C LYS A 325 0.44 -23.91 5.91
N ILE A 326 -0.24 -23.23 6.83
CA ILE A 326 -0.65 -21.85 6.66
C ILE A 326 0.26 -20.96 7.51
N LYS A 327 0.81 -19.92 6.88
CA LYS A 327 1.68 -18.99 7.58
C LYS A 327 1.46 -17.56 7.08
N ILE A 328 1.03 -16.70 7.98
CA ILE A 328 0.79 -15.30 7.68
C ILE A 328 1.96 -14.47 8.18
N ILE A 329 2.68 -13.86 7.24
CA ILE A 329 3.79 -12.98 7.57
C ILE A 329 3.28 -11.55 7.65
N ALA A 330 3.34 -10.97 8.84
CA ALA A 330 2.98 -9.58 9.04
C ALA A 330 4.21 -8.83 9.53
N PRO A 331 5.05 -8.33 8.59
CA PRO A 331 6.25 -7.60 8.96
C PRO A 331 5.92 -6.44 9.88
N PRO A 332 6.67 -6.28 10.99
CA PRO A 332 6.34 -5.28 12.02
C PRO A 332 6.24 -3.86 11.48
N GLU A 333 6.89 -3.61 10.35
CA GLU A 333 6.95 -2.28 9.75
C GLU A 333 6.00 -2.10 8.55
N ARG A 334 5.52 -3.22 8.02
CA ARG A 334 4.72 -3.33 6.76
C ARG A 334 3.94 -2.12 6.20
N LYS A 335 3.75 -1.08 7.01
CA LYS A 335 3.13 0.16 6.58
C LYS A 335 3.93 0.83 5.45
N TYR A 336 5.22 0.50 5.36
CA TYR A 336 6.13 1.09 4.37
C TYR A 336 6.93 0.06 3.57
N SER A 337 6.48 -1.20 3.58
CA SER A 337 7.21 -2.28 2.91
C SER A 337 7.36 -2.12 1.40
N VAL A 338 6.43 -1.40 0.79
CA VAL A 338 6.49 -1.10 -0.64
C VAL A 338 7.72 -0.23 -0.94
N TRP A 339 7.86 0.88 -0.21
CA TRP A 339 8.99 1.78 -0.37
C TRP A 339 10.31 1.09 -0.04
N ILE A 340 10.33 0.41 1.11
CA ILE A 340 11.54 -0.28 1.59
C ILE A 340 11.98 -1.37 0.60
N GLY A 341 11.02 -2.12 0.08
CA GLY A 341 11.28 -3.11 -0.95
C GLY A 341 11.90 -2.50 -2.20
N GLY A 342 11.49 -1.28 -2.52
CA GLY A 342 12.07 -0.51 -3.62
C GLY A 342 13.46 0.01 -3.27
N SER A 343 13.62 0.46 -2.03
CA SER A 343 14.89 0.96 -1.52
C SER A 343 15.94 -0.14 -1.44
N ILE A 344 15.49 -1.38 -1.30
CA ILE A 344 16.37 -2.55 -1.38
C ILE A 344 16.71 -2.86 -2.84
N LEU A 345 15.67 -2.96 -3.67
CA LEU A 345 15.82 -3.31 -5.09
C LEU A 345 16.76 -2.36 -5.83
N ALA A 346 16.49 -1.06 -5.74
CA ALA A 346 17.29 -0.04 -6.44
C ALA A 346 18.71 0.11 -5.89
N SER A 347 18.96 -0.47 -4.71
CA SER A 347 20.27 -0.41 -4.08
C SER A 347 21.15 -1.61 -4.37
N LEU A 348 20.58 -2.62 -5.04
CA LEU A 348 21.31 -3.85 -5.35
C LEU A 348 22.22 -3.70 -6.56
N SER A 349 23.47 -4.12 -6.38
CA SER A 349 24.48 -4.12 -7.45
C SER A 349 24.06 -5.01 -8.61
N THR A 350 23.27 -6.03 -8.29
CA THR A 350 22.75 -6.99 -9.27
C THR A 350 21.60 -6.38 -10.10
N PHE A 351 20.99 -5.32 -9.58
CA PHE A 351 19.85 -4.66 -10.23
C PHE A 351 20.31 -3.51 -11.14
N GLN A 352 21.53 -3.04 -10.93
CA GLN A 352 22.08 -1.88 -11.63
C GLN A 352 21.88 -1.81 -13.15
N GLN A 353 21.87 -2.96 -13.81
CA GLN A 353 21.73 -3.00 -15.27
C GLN A 353 20.28 -3.18 -15.75
N MET A 354 19.33 -3.14 -14.81
CA MET A 354 17.92 -3.34 -15.14
C MET A 354 17.11 -2.05 -15.19
N TRP A 355 17.79 -0.92 -14.95
CA TRP A 355 17.21 0.42 -15.17
C TRP A 355 16.96 0.64 -16.65
N ILE A 356 16.26 1.72 -16.97
CA ILE A 356 16.11 2.17 -18.35
C ILE A 356 16.83 3.51 -18.49
N SER A 357 17.93 3.52 -19.25
CA SER A 357 18.69 4.75 -19.48
C SER A 357 17.91 5.72 -20.37
N LYS A 358 18.22 7.01 -20.27
CA LYS A 358 17.60 8.04 -21.11
C LYS A 358 17.87 7.74 -22.59
N GLN A 359 19.07 7.23 -22.86
CA GLN A 359 19.46 6.71 -24.16
C GLN A 359 18.45 5.68 -24.66
N GLU A 360 18.17 4.68 -23.81
CA GLU A 360 17.27 3.57 -24.16
C GLU A 360 15.85 4.04 -24.44
N TYR A 361 15.43 5.12 -23.76
CA TYR A 361 14.13 5.74 -24.01
C TYR A 361 14.12 6.52 -25.33
N ASP A 362 15.15 7.35 -25.53
CA ASP A 362 15.29 8.15 -26.75
C ASP A 362 15.36 7.27 -28.00
N GLU A 363 15.95 6.09 -27.84
CA GLU A 363 16.07 5.14 -28.95
C GLU A 363 14.77 4.39 -29.24
N SER A 364 14.00 4.10 -28.19
CA SER A 364 12.82 3.25 -28.32
C SER A 364 11.47 3.98 -28.21
N GLY A 365 11.34 4.83 -27.19
CA GLY A 365 10.07 5.48 -26.87
C GLY A 365 9.50 4.96 -25.56
N PRO A 366 8.34 5.50 -25.14
CA PRO A 366 7.69 5.12 -23.88
C PRO A 366 7.37 3.63 -23.74
N SER A 367 7.03 2.98 -24.86
CA SER A 367 6.62 1.57 -24.85
C SER A 367 7.74 0.57 -24.51
N ILE A 368 8.93 1.09 -24.21
CA ILE A 368 10.04 0.25 -23.75
C ILE A 368 9.82 -0.23 -22.31
N VAL A 369 8.90 0.42 -21.61
CA VAL A 369 8.58 0.10 -20.21
C VAL A 369 8.12 -1.35 -20.03
N HIS A 370 7.35 -1.85 -21.00
CA HIS A 370 6.78 -3.20 -20.94
C HIS A 370 7.84 -4.28 -21.09
N ARG A 371 8.79 -4.06 -21.99
CA ARG A 371 9.87 -5.01 -22.25
C ARG A 371 11.03 -4.94 -21.25
N LYS A 372 10.99 -3.93 -20.37
CA LYS A 372 12.04 -3.75 -19.36
C LYS A 372 11.53 -3.95 -17.93
N CYS A 373 10.26 -3.67 -17.69
CA CYS A 373 9.68 -3.75 -16.35
C CYS A 373 8.55 -4.78 -16.27
N PHE A 374 8.86 -5.94 -15.69
CA PHE A 374 7.88 -7.02 -15.52
C PHE A 374 8.10 -7.79 -14.23
N PRO B 79 23.45 -19.18 -14.35
CA PRO B 79 22.47 -18.29 -13.76
C PRO B 79 22.31 -16.98 -14.56
N SER B 80 21.08 -16.70 -14.99
CA SER B 80 20.79 -15.50 -15.77
C SER B 80 20.88 -14.22 -14.91
N PRO B 81 21.02 -13.04 -15.55
CA PRO B 81 21.05 -11.77 -14.83
C PRO B 81 19.85 -11.57 -13.89
N ARG B 82 18.73 -12.18 -14.22
CA ARG B 82 17.51 -12.12 -13.41
C ARG B 82 17.56 -13.13 -12.27
N GLU B 83 18.13 -14.30 -12.55
CA GLU B 83 18.32 -15.36 -11.54
C GLU B 83 19.18 -14.85 -10.38
N GLN B 84 20.17 -14.04 -10.72
CA GLN B 84 21.11 -13.47 -9.74
C GLN B 84 20.52 -12.27 -9.01
N LEU B 85 19.49 -11.66 -9.61
CA LEU B 85 18.74 -10.58 -8.96
C LEU B 85 17.84 -11.13 -7.86
N MET B 86 17.15 -12.23 -8.16
CA MET B 86 16.26 -12.89 -7.21
C MET B 86 17.04 -13.53 -6.05
N GLU B 87 18.26 -13.97 -6.33
CA GLU B 87 19.14 -14.55 -5.33
C GLU B 87 19.66 -13.48 -4.35
N SER B 88 19.81 -12.26 -4.85
CA SER B 88 20.25 -11.13 -4.01
C SER B 88 19.13 -10.63 -3.11
N ILE B 89 17.90 -10.66 -3.61
CA ILE B 89 16.71 -10.28 -2.84
C ILE B 89 16.49 -11.25 -1.67
N ARG B 90 16.66 -12.55 -1.95
CA ARG B 90 16.53 -13.58 -0.92
C ARG B 90 17.67 -13.54 0.09
N LYS B 91 18.83 -13.07 -0.35
CA LYS B 91 19.98 -12.89 0.55
C LYS B 91 19.74 -11.72 1.49
N GLY B 92 18.99 -10.73 1.03
CA GLY B 92 18.72 -9.51 1.80
C GLY B 92 19.89 -8.55 1.75
N LYS B 93 19.75 -7.43 2.47
CA LYS B 93 20.84 -6.44 2.57
C LYS B 93 20.63 -5.40 3.68
N GLU B 94 21.74 -4.79 4.12
CA GLU B 94 21.75 -3.75 5.13
C GLU B 94 21.29 -2.41 4.56
N LEU B 95 20.58 -1.63 5.37
CA LEU B 95 20.05 -0.34 4.94
C LEU B 95 20.55 0.83 5.82
N LYS B 96 20.63 2.01 5.21
CA LYS B 96 21.31 3.18 5.80
C LYS B 96 20.59 3.83 7.00
N GLN B 97 21.10 4.97 7.45
CA GLN B 97 20.69 5.56 8.72
C GLN B 97 20.43 7.07 8.75
N ALA B 98 19.67 7.50 9.76
CA ALA B 98 19.41 8.91 10.04
C ALA B 98 19.23 9.13 11.54
PG ATP C . -3.49 2.53 -1.78
O1G ATP C . -4.92 2.10 -1.54
O2G ATP C . -2.48 1.48 -1.35
O3G ATP C . -3.25 3.10 -3.15
PB ATP C . -1.94 4.09 0.04
O1B ATP C . -0.75 3.49 -0.67
O2B ATP C . -1.93 5.56 0.38
O3B ATP C . -3.29 3.79 -0.80
PA ATP C . -1.09 3.10 2.54
O1A ATP C . -0.49 1.72 2.41
O2A ATP C . -0.20 4.31 2.53
O3A ATP C . -2.21 3.27 1.39
O5' ATP C . -1.97 3.14 3.88
C5' ATP C . -2.72 4.31 4.23
C4' ATP C . -4.03 3.88 4.88
O4' ATP C . -3.77 2.97 5.96
C3' ATP C . -4.79 5.07 5.46
O3' ATP C . -6.14 5.03 5.00
C2' ATP C . -4.74 4.89 6.96
O2' ATP C . -5.99 5.24 7.58
C1' ATP C . -4.44 3.40 7.14
N9 ATP C . -3.61 3.17 8.35
C8 ATP C . -2.40 3.72 8.63
N7 ATP C . -1.93 3.29 9.82
C5 ATP C . -2.83 2.45 10.34
C6 ATP C . -2.97 1.63 11.57
N6 ATP C . -2.01 1.63 12.52
N1 ATP C . -4.09 0.88 11.72
C2 ATP C . -5.06 0.87 10.79
N3 ATP C . -5.01 1.58 9.64
C4 ATP C . -3.95 2.38 9.37
CA CA D . -0.16 1.65 -1.90
#